data_2XPZ
#
_entry.id   2XPZ
#
_cell.length_a   70.833
_cell.length_b   98.096
_cell.length_c   99.197
_cell.angle_alpha   90.00
_cell.angle_beta   90.00
_cell.angle_gamma   90.00
#
_symmetry.space_group_name_H-M   'P 21 21 21'
#
loop_
_entity.id
_entity.type
_entity.pdbx_description
1 polymer 'LEUKOTRIENE A-4 HYDROLASE'
2 non-polymer (R,R)-2,3-BUTANEDIOL
3 non-polymer 'ZINC ION'
4 non-polymer 'POLYETHYLENE GLYCOL (N=34)'
5 water water
#
_entity_poly.entity_id   1
_entity_poly.type   'polypeptide(L)'
_entity_poly.pdbx_seq_one_letter_code
;MLPLSIEQRRPSRSPEYDQSTLSNYKDFAVLHTDLNLSVSFEKSAISGSVTFQLKKLHEGKNKSDELHLDTSYLDVQEVH
IDGSKADFQIEQRKEPLGSRLVINNASCNDNFTLNIQFRTTDKCTALQWLNSKQTKGGKPYVFSQLEAIHARSLFPCFDT
PSVKSTFTASIESPLPVVFSGIRIEDTSKDTNIYRFEQKVPIPAYLIGIASGDLSSAPIGPRSTVYTEPFRLKDCQWEFE
NDVEKFIQTAEKIIFEYEWGTYDILVNVDSYPYGGMESPNMTFATPTLIAHDRSNIDVIAHELAHSWSGNLVTNCSWNHF
WLNEGWTVYLERRIIGAIHGEPTRHFSALIGWSDLQNSIDSMKDPERFSTLVQNLNDNTDPDDAFSTVPYEKGFNLLFHL
ETILGGKAEFDPFIRHYFKKFAKKSLDTFQFLDTLYEFYPEKKEILDSVDWETWLYKPGMPPRPHFITALADNVYQLADK
WVEMAQHLKTTEDFRSEFNAIDIKDFNSNQLVLFLETLTQNGHSNKKPKDFDWAKFPVASRALLDIYQDNIVKSQNAEVV
FKMFKFQIFAKLQEEYKHLADWLGTVGRMKFVRPGYRLLNSVDRRLALATFDKFKDTYHPICKALVKQDLGL
;
_entity_poly.pdbx_strand_id   A
#
# COMPACT_ATOMS: atom_id res chain seq x y z
N MET A 1 6.98 -31.65 11.98
CA MET A 1 6.55 -32.37 10.79
C MET A 1 6.99 -31.67 9.52
N LEU A 2 7.83 -30.66 9.68
CA LEU A 2 8.41 -30.00 8.53
C LEU A 2 9.92 -29.90 8.68
N PRO A 3 10.60 -29.79 7.54
CA PRO A 3 12.05 -29.84 7.33
C PRO A 3 12.95 -29.06 8.29
N LEU A 4 13.88 -29.75 8.93
CA LEU A 4 15.07 -29.09 9.43
C LEU A 4 15.80 -28.50 8.22
N SER A 5 16.45 -27.36 8.36
CA SER A 5 16.57 -26.67 9.63
C SER A 5 15.62 -25.52 9.76
N ILE A 6 14.50 -25.55 9.06
CA ILE A 6 13.50 -24.51 9.25
C ILE A 6 12.95 -24.61 10.67
N GLU A 7 12.95 -25.84 11.17
CA GLU A 7 12.46 -26.15 12.50
C GLU A 7 13.37 -25.52 13.55
N GLN A 8 14.68 -25.56 13.27
CA GLN A 8 15.67 -24.91 14.11
C GLN A 8 15.29 -23.45 14.35
N ARG A 9 14.67 -22.82 13.35
CA ARG A 9 14.41 -21.39 13.40
C ARG A 9 13.08 -21.11 14.07
N ARG A 10 12.29 -22.17 14.21
CA ARG A 10 10.97 -22.07 14.79
C ARG A 10 11.00 -21.37 16.13
N PRO A 11 10.33 -20.20 16.24
CA PRO A 11 10.21 -19.58 17.56
C PRO A 11 9.69 -20.60 18.60
N SER A 12 9.76 -20.26 19.88
CA SER A 12 9.27 -21.17 20.92
C SER A 12 7.76 -21.12 21.09
N ARG A 13 7.21 -19.93 20.94
CA ARG A 13 5.79 -19.70 21.06
C ARG A 13 5.22 -19.02 19.82
N SER A 14 4.14 -19.59 19.30
CA SER A 14 3.44 -18.99 18.17
C SER A 14 2.06 -18.50 18.59
N PRO A 15 1.66 -17.33 18.07
CA PRO A 15 2.39 -16.50 17.11
C PRO A 15 3.70 -15.93 17.67
N GLU A 16 4.74 -15.80 16.84
CA GLU A 16 6.05 -15.27 17.27
C GLU A 16 5.90 -13.91 17.95
N TYR A 17 6.72 -13.64 18.96
CA TYR A 17 6.58 -12.41 19.72
C TYR A 17 6.93 -11.16 18.91
N ASP A 18 6.20 -10.08 19.13
CA ASP A 18 6.40 -8.83 18.40
C ASP A 18 7.36 -7.90 19.13
N GLN A 19 8.53 -7.72 18.56
CA GLN A 19 9.57 -6.92 19.19
C GLN A 19 9.31 -5.43 19.02
N SER A 20 8.45 -5.07 18.06
CA SER A 20 8.20 -3.67 17.73
C SER A 20 7.25 -3.00 18.71
N THR A 21 6.74 -3.78 19.66
CA THR A 21 5.82 -3.26 20.64
C THR A 21 6.48 -3.21 22.00
N LEU A 22 6.23 -2.12 22.72
CA LEU A 22 6.70 -1.98 24.09
C LEU A 22 5.60 -2.40 25.05
N SER A 23 4.39 -2.53 24.50
CA SER A 23 3.24 -3.02 25.23
C SER A 23 3.39 -4.48 25.63
N ASN A 24 2.63 -4.92 26.62
CA ASN A 24 2.66 -6.31 27.05
C ASN A 24 1.43 -7.10 26.63
N TYR A 25 1.14 -7.08 25.33
CA TYR A 25 -0.09 -7.64 24.79
C TYR A 25 -0.31 -9.11 25.10
N LYS A 26 0.76 -9.81 25.46
CA LYS A 26 0.66 -11.23 25.72
C LYS A 26 -0.02 -11.48 27.06
N ASP A 27 -0.12 -10.44 27.88
CA ASP A 27 -0.73 -10.51 29.21
C ASP A 27 -2.21 -10.10 29.22
N PHE A 28 -2.64 -9.38 28.20
CA PHE A 28 -4.03 -8.93 28.14
C PHE A 28 -4.77 -9.42 26.89
N ALA A 29 -6.09 -9.48 27.01
CA ALA A 29 -6.97 -9.71 25.88
C ALA A 29 -7.73 -8.43 25.69
N VAL A 30 -7.75 -7.94 24.46
CA VAL A 30 -8.47 -6.73 24.19
C VAL A 30 -9.79 -7.17 23.64
N LEU A 31 -10.85 -6.93 24.40
CA LEU A 31 -12.15 -7.44 23.99
C LEU A 31 -12.88 -6.46 23.11
N HIS A 32 -12.53 -5.19 23.23
CA HIS A 32 -13.20 -4.16 22.45
C HIS A 32 -12.57 -2.83 22.72
N THR A 33 -12.44 -2.03 21.66
CA THR A 33 -11.81 -0.73 21.76
C THR A 33 -12.80 0.32 21.30
N ASP A 34 -12.76 1.49 21.93
CA ASP A 34 -13.67 2.59 21.60
C ASP A 34 -12.88 3.90 21.54
N LEU A 35 -13.04 4.63 20.45
CA LEU A 35 -12.36 5.91 20.26
C LEU A 35 -13.36 7.07 20.29
N ASN A 36 -13.19 8.00 21.23
CA ASN A 36 -14.00 9.23 21.24
C ASN A 36 -13.12 10.41 20.97
N LEU A 37 -13.06 10.79 19.69
CA LEU A 37 -12.08 11.73 19.18
C LEU A 37 -12.71 13.02 18.65
N SER A 38 -11.94 14.10 18.71
CA SER A 38 -12.39 15.39 18.24
C SER A 38 -11.30 15.98 17.34
N VAL A 39 -11.65 16.24 16.08
CA VAL A 39 -10.72 16.79 15.10
C VAL A 39 -10.68 18.32 15.16
N SER A 40 -9.51 18.86 15.48
CA SER A 40 -9.30 20.29 15.43
C SER A 40 -8.34 20.58 14.28
N PHE A 41 -8.87 21.18 13.21
CA PHE A 41 -8.09 21.47 12.02
C PHE A 41 -7.17 22.64 12.28
N GLU A 42 -7.55 23.41 13.29
CA GLU A 42 -6.86 24.62 13.67
C GLU A 42 -5.63 24.40 14.57
N LYS A 43 -5.69 23.40 15.43
CA LYS A 43 -4.58 23.04 16.30
C LYS A 43 -3.75 21.92 15.70
N SER A 44 -4.23 21.36 14.59
CA SER A 44 -3.60 20.21 13.96
C SER A 44 -3.41 19.08 14.97
N ALA A 45 -4.50 18.76 15.66
CA ALA A 45 -4.49 17.72 16.69
C ALA A 45 -5.82 16.97 16.79
N ILE A 46 -5.73 15.72 17.19
CA ILE A 46 -6.90 14.92 17.57
C ILE A 46 -6.83 14.70 19.07
N SER A 47 -7.92 14.98 19.77
CA SER A 47 -7.95 14.85 21.21
C SER A 47 -9.18 14.07 21.61
N GLY A 48 -9.09 13.32 22.71
CA GLY A 48 -10.21 12.54 23.17
C GLY A 48 -9.78 11.46 24.13
N SER A 49 -10.50 10.35 24.11
CA SER A 49 -10.25 9.23 25.01
C SER A 49 -10.38 7.91 24.25
N VAL A 50 -9.60 6.92 24.67
CA VAL A 50 -9.80 5.56 24.20
C VAL A 50 -10.21 4.66 25.37
N THR A 51 -11.20 3.80 25.13
CA THR A 51 -11.74 2.92 26.16
C THR A 51 -11.63 1.46 25.72
N PHE A 52 -10.79 0.68 26.41
CA PHE A 52 -10.60 -0.72 26.07
C PHE A 52 -11.42 -1.58 27.00
N GLN A 53 -11.91 -2.71 26.52
CA GLN A 53 -12.46 -3.71 27.41
C GLN A 53 -11.44 -4.83 27.47
N LEU A 54 -10.68 -4.90 28.55
CA LEU A 54 -9.57 -5.84 28.65
C LEU A 54 -9.86 -6.99 29.58
N LYS A 55 -9.26 -8.13 29.30
CA LYS A 55 -9.33 -9.26 30.22
C LYS A 55 -7.91 -9.72 30.59
N LYS A 56 -7.61 -9.80 31.88
CA LYS A 56 -6.30 -10.26 32.35
C LYS A 56 -6.09 -11.72 32.02
N LEU A 57 -4.96 -12.01 31.38
CA LEU A 57 -4.58 -13.38 31.03
C LEU A 57 -3.52 -13.92 32.01
N HIS A 58 -3.71 -15.15 32.45
CA HIS A 58 -2.75 -15.77 33.36
C HIS A 58 -2.32 -17.08 32.73
N GLU A 59 -1.03 -17.18 32.42
CA GLU A 59 -0.53 -18.42 31.84
C GLU A 59 0.89 -18.70 32.31
N LYS A 63 3.44 -15.03 34.95
CA LYS A 63 4.58 -14.61 35.76
C LYS A 63 4.48 -13.13 36.10
N SER A 64 5.45 -12.34 35.62
CA SER A 64 5.44 -10.90 35.86
C SER A 64 4.17 -10.29 35.29
N ASP A 65 3.56 -9.37 36.03
CA ASP A 65 2.31 -8.75 35.60
C ASP A 65 2.29 -7.22 35.74
N GLU A 66 1.91 -6.52 34.67
CA GLU A 66 1.68 -5.07 34.70
C GLU A 66 0.86 -4.66 33.46
N LEU A 67 0.46 -3.39 33.38
CA LEU A 67 -0.26 -2.92 32.19
C LEU A 67 0.58 -1.96 31.34
N HIS A 68 1.12 -2.46 30.23
CA HIS A 68 2.02 -1.67 29.39
C HIS A 68 1.43 -1.38 28.03
N LEU A 69 1.30 -0.10 27.71
CA LEU A 69 0.75 0.32 26.43
C LEU A 69 1.78 1.10 25.60
N ASP A 70 1.61 1.10 24.28
CA ASP A 70 2.46 1.86 23.37
C ASP A 70 1.94 3.26 23.21
N THR A 71 2.85 4.23 23.22
CA THR A 71 2.57 5.60 22.79
C THR A 71 3.81 6.16 22.09
N SER A 72 3.63 7.21 21.29
CA SER A 72 4.75 7.93 20.67
C SER A 72 4.36 9.39 20.64
N TYR A 73 5.17 10.25 21.22
CA TYR A 73 4.85 11.66 21.28
C TYR A 73 3.34 11.82 21.41
N LEU A 74 2.77 11.31 22.50
CA LEU A 74 1.33 11.42 22.74
C LEU A 74 1.09 11.97 24.14
N ASP A 75 0.17 12.93 24.28
CA ASP A 75 -0.12 13.51 25.60
C ASP A 75 -1.22 12.73 26.35
N VAL A 76 -0.82 11.74 27.14
CA VAL A 76 -1.75 11.02 27.98
C VAL A 76 -2.09 11.90 29.18
N GLN A 77 -3.35 12.32 29.25
CA GLN A 77 -3.78 13.28 30.25
C GLN A 77 -4.30 12.61 31.51
N GLU A 78 -5.11 11.57 31.34
CA GLU A 78 -5.67 10.86 32.47
C GLU A 78 -5.98 9.43 32.09
N VAL A 79 -5.90 8.55 33.08
CA VAL A 79 -6.35 7.18 32.91
C VAL A 79 -7.39 6.90 34.01
N HIS A 80 -8.31 5.97 33.73
CA HIS A 80 -9.40 5.65 34.65
C HIS A 80 -9.75 4.19 34.51
N ILE A 81 -9.53 3.41 35.56
CA ILE A 81 -9.92 2.00 35.53
C ILE A 81 -11.28 1.80 36.19
N ASP A 82 -12.23 1.29 35.43
CA ASP A 82 -13.59 1.12 35.92
C ASP A 82 -14.07 2.42 36.55
N GLY A 83 -13.82 3.52 35.86
CA GLY A 83 -14.31 4.82 36.30
C GLY A 83 -13.53 5.46 37.43
N SER A 84 -12.51 4.77 37.93
CA SER A 84 -11.71 5.29 39.03
C SER A 84 -10.33 5.70 38.54
N LYS A 85 -9.90 6.89 38.92
CA LYS A 85 -8.57 7.38 38.57
C LYS A 85 -7.56 6.27 38.80
N ALA A 86 -6.61 6.12 37.89
CA ALA A 86 -5.59 5.09 38.00
C ALA A 86 -4.23 5.72 37.80
N ASP A 87 -3.22 5.20 38.49
CA ASP A 87 -1.91 5.84 38.54
C ASP A 87 -1.05 5.41 37.35
N PHE A 88 -0.58 6.37 36.57
CA PHE A 88 0.24 6.08 35.39
C PHE A 88 1.48 6.97 35.27
N GLN A 89 2.46 6.46 34.55
CA GLN A 89 3.68 7.21 34.26
C GLN A 89 4.17 6.84 32.87
N ILE A 90 4.80 7.79 32.19
CA ILE A 90 5.29 7.57 30.85
C ILE A 90 6.82 7.49 30.85
N GLU A 91 7.34 6.37 30.37
CA GLU A 91 8.78 6.14 30.33
C GLU A 91 9.43 7.11 29.37
N GLN A 92 10.76 7.13 29.40
CA GLN A 92 11.51 8.00 28.49
C GLN A 92 11.45 7.37 27.11
N ARG A 93 11.37 8.22 26.09
CA ARG A 93 11.23 7.76 24.71
C ARG A 93 12.44 6.94 24.25
N LYS A 94 12.15 5.83 23.57
CA LYS A 94 13.20 5.00 23.02
C LYS A 94 12.99 4.85 21.53
N GLU A 95 13.93 5.34 20.74
CA GLU A 95 13.85 5.17 19.30
C GLU A 95 14.11 3.72 18.98
N PRO A 96 13.30 3.14 18.08
CA PRO A 96 12.24 3.88 17.40
C PRO A 96 10.88 3.49 17.95
N LEU A 97 10.81 2.82 19.10
CA LEU A 97 9.56 2.19 19.50
C LEU A 97 8.69 3.11 20.33
N GLY A 98 9.27 4.24 20.74
CA GLY A 98 8.52 5.26 21.47
C GLY A 98 8.53 5.14 22.98
N SER A 99 7.60 5.85 23.61
CA SER A 99 7.41 5.83 25.06
C SER A 99 6.44 4.75 25.48
N ARG A 100 6.82 3.97 26.49
CA ARG A 100 5.92 2.96 27.04
C ARG A 100 5.03 3.57 28.11
N LEU A 101 3.72 3.44 27.95
CA LEU A 101 2.75 3.98 28.89
C LEU A 101 2.43 2.93 29.96
N VAL A 102 2.98 3.12 31.16
CA VAL A 102 2.77 2.16 32.25
C VAL A 102 1.63 2.60 33.15
N ILE A 103 0.66 1.71 33.32
CA ILE A 103 -0.55 2.01 34.04
C ILE A 103 -0.75 1.01 35.18
N ASN A 104 -0.97 1.51 36.40
CA ASN A 104 -1.23 0.64 37.56
C ASN A 104 -2.60 -0.05 37.57
N ASN A 105 -2.54 -1.36 37.36
CA ASN A 105 -3.69 -2.19 37.08
C ASN A 105 -3.99 -3.04 38.31
N ALA A 106 -3.11 -2.95 39.30
CA ALA A 106 -3.18 -3.81 40.47
C ALA A 106 -4.58 -3.85 41.05
N SER A 107 -5.25 -2.70 41.04
CA SER A 107 -6.48 -2.50 41.81
C SER A 107 -7.70 -3.29 41.34
N CYS A 108 -7.82 -3.53 40.03
CA CYS A 108 -9.04 -4.05 39.44
C CYS A 108 -9.13 -5.59 39.43
N ASN A 109 -10.25 -6.11 38.93
CA ASN A 109 -10.43 -7.56 38.73
C ASN A 109 -9.90 -8.04 37.37
N ASP A 110 -10.24 -9.27 36.99
CA ASP A 110 -9.74 -9.83 35.74
C ASP A 110 -10.18 -9.01 34.53
N ASN A 111 -11.47 -8.79 34.37
CA ASN A 111 -11.98 -7.99 33.26
C ASN A 111 -12.21 -6.55 33.68
N PHE A 112 -11.55 -5.60 33.04
CA PHE A 112 -11.68 -4.19 33.43
C PHE A 112 -11.92 -3.24 32.26
N THR A 113 -12.43 -2.04 32.57
CA THR A 113 -12.66 -1.00 31.57
C THR A 113 -11.55 0.04 31.69
N LEU A 114 -10.73 0.14 30.65
CA LEU A 114 -9.60 1.08 30.66
C LEU A 114 -9.90 2.32 29.83
N ASN A 115 -9.82 3.49 30.46
CA ASN A 115 -10.07 4.71 29.73
C ASN A 115 -8.90 5.67 29.83
N ILE A 116 -8.24 5.90 28.69
CA ILE A 116 -7.16 6.87 28.61
C ILE A 116 -7.67 8.10 27.86
N GLN A 117 -7.29 9.28 28.31
CA GLN A 117 -7.58 10.50 27.57
C GLN A 117 -6.27 11.11 27.15
N PHE A 118 -6.23 11.63 25.94
CA PHE A 118 -4.97 11.99 25.34
C PHE A 118 -5.17 13.10 24.34
N ARG A 119 -4.07 13.73 23.95
CA ARG A 119 -4.03 14.64 22.81
C ARG A 119 -2.88 14.18 21.92
N THR A 120 -3.08 14.24 20.61
CA THR A 120 -1.96 14.04 19.70
C THR A 120 -0.99 15.20 19.90
N THR A 121 0.22 15.07 19.40
CA THR A 121 1.26 16.07 19.65
C THR A 121 1.61 16.82 18.39
N ASP A 122 2.41 17.86 18.52
CA ASP A 122 2.98 18.49 17.36
C ASP A 122 3.89 17.50 16.66
N LYS A 123 4.43 16.54 17.42
CA LYS A 123 5.33 15.53 16.87
C LYS A 123 4.63 14.25 16.41
N CYS A 124 3.31 14.23 16.53
CA CYS A 124 2.51 13.10 16.05
C CYS A 124 3.02 12.65 14.70
N THR A 125 3.18 11.34 14.53
CA THR A 125 3.55 10.82 13.23
C THR A 125 2.45 9.95 12.65
N ALA A 126 1.23 10.13 13.16
CA ALA A 126 0.09 9.33 12.71
C ALA A 126 -0.88 10.10 11.82
N LEU A 127 -0.84 11.42 11.90
CA LEU A 127 -1.80 12.24 11.18
C LEU A 127 -1.12 13.16 10.18
N GLN A 128 -1.63 13.19 8.95
CA GLN A 128 -1.13 14.05 7.90
C GLN A 128 -2.08 15.23 7.71
N TRP A 129 -1.58 16.44 7.89
CA TRP A 129 -2.43 17.60 7.76
C TRP A 129 -2.11 18.35 6.48
N LEU A 130 -3.16 18.73 5.78
CA LEU A 130 -3.04 19.55 4.59
C LEU A 130 -3.83 20.81 4.83
N ASN A 131 -3.25 21.97 4.53
CA ASN A 131 -4.00 23.21 4.62
C ASN A 131 -4.90 23.42 3.41
N SER A 132 -5.43 24.62 3.24
CA SER A 132 -6.44 24.87 2.21
C SER A 132 -5.83 25.14 0.81
N LYS A 133 -4.53 25.41 0.79
CA LYS A 133 -3.76 25.60 -0.44
C LYS A 133 -3.42 24.23 -1.04
N GLN A 134 -3.54 23.18 -0.22
CA GLN A 134 -3.05 21.85 -0.56
C GLN A 134 -4.12 20.89 -1.08
N THR A 135 -5.36 21.38 -1.16
CA THR A 135 -6.44 20.60 -1.74
C THR A 135 -7.15 21.43 -2.80
N LYS A 136 -7.59 20.78 -3.86
CA LYS A 136 -8.25 21.49 -4.94
C LYS A 136 -9.59 22.04 -4.48
N GLY A 137 -10.18 21.42 -3.46
CA GLY A 137 -11.47 21.84 -2.96
C GLY A 137 -11.47 23.15 -2.19
N GLY A 138 -10.39 23.41 -1.45
CA GLY A 138 -10.26 24.65 -0.72
C GLY A 138 -10.55 24.56 0.76
N LYS A 139 -10.79 23.35 1.27
CA LYS A 139 -11.01 23.17 2.68
C LYS A 139 -9.85 22.36 3.22
N PRO A 140 -9.57 22.47 4.54
CA PRO A 140 -8.56 21.63 5.19
C PRO A 140 -8.88 20.15 5.01
N TYR A 141 -7.87 19.30 5.11
CA TYR A 141 -8.06 17.84 5.01
C TYR A 141 -7.15 17.21 6.03
N VAL A 142 -7.58 16.08 6.57
CA VAL A 142 -6.68 15.28 7.38
C VAL A 142 -6.96 13.80 7.15
N PHE A 143 -5.89 13.02 7.06
CA PHE A 143 -6.00 11.58 6.96
C PHE A 143 -4.90 10.96 7.81
N SER A 144 -5.14 9.77 8.33
CA SER A 144 -4.12 9.02 9.07
C SER A 144 -3.42 7.99 8.18
N GLN A 145 -2.13 7.80 8.44
CA GLN A 145 -1.35 6.71 7.87
C GLN A 145 -0.65 5.96 9.01
N LEU A 146 -1.19 4.81 9.40
CA LEU A 146 -0.79 4.23 10.67
C LEU A 146 0.26 3.13 10.56
N GLU A 147 0.26 2.40 9.45
CA GLU A 147 1.26 1.35 9.23
C GLU A 147 2.68 1.95 9.19
N ALA A 148 3.62 1.32 9.88
CA ALA A 148 3.42 0.05 10.58
C ALA A 148 3.18 0.19 12.09
N ILE A 149 3.91 1.08 12.76
CA ILE A 149 3.74 1.29 14.18
C ILE A 149 3.45 2.76 14.50
N HIS A 150 2.59 3.38 13.72
CA HIS A 150 2.29 4.79 13.96
C HIS A 150 0.99 4.96 14.72
N ALA A 151 0.25 3.87 14.89
CA ALA A 151 -1.02 3.96 15.61
C ALA A 151 -0.80 4.44 17.04
N ARG A 152 0.34 4.05 17.59
CA ARG A 152 0.72 4.44 18.93
C ARG A 152 0.83 5.97 19.04
N SER A 153 0.84 6.65 17.90
CA SER A 153 0.92 8.11 17.85
C SER A 153 -0.46 8.77 17.74
N LEU A 154 -1.46 7.99 17.36
CA LEU A 154 -2.84 8.49 17.31
C LEU A 154 -3.56 8.27 18.65
N PHE A 155 -3.38 7.08 19.24
CA PHE A 155 -3.97 6.74 20.54
C PHE A 155 -3.17 5.66 21.29
N PRO A 156 -3.25 5.63 22.64
CA PRO A 156 -2.50 4.60 23.36
C PRO A 156 -3.14 3.23 23.19
N CYS A 157 -2.32 2.22 22.92
CA CYS A 157 -2.84 0.90 22.61
C CYS A 157 -1.75 -0.17 22.60
N PHE A 158 -2.16 -1.41 22.36
CA PHE A 158 -1.23 -2.48 22.04
C PHE A 158 -0.98 -2.41 20.54
N ASP A 159 0.09 -1.71 20.17
CA ASP A 159 0.35 -1.39 18.78
C ASP A 159 1.09 -2.53 18.09
N THR A 160 0.39 -3.63 17.87
CA THR A 160 0.97 -4.81 17.27
C THR A 160 -0.09 -5.53 16.47
N PRO A 161 0.26 -6.06 15.29
CA PRO A 161 -0.69 -6.76 14.42
C PRO A 161 -1.25 -8.05 15.05
N SER A 162 -0.70 -8.49 16.18
CA SER A 162 -1.18 -9.71 16.82
C SER A 162 -2.36 -9.44 17.76
N VAL A 163 -2.58 -8.16 18.05
CA VAL A 163 -3.73 -7.75 18.83
C VAL A 163 -4.79 -7.16 17.90
N LYS A 164 -5.91 -7.87 17.77
CA LYS A 164 -7.01 -7.36 16.96
C LYS A 164 -8.24 -7.19 17.84
N SER A 165 -8.94 -6.07 17.71
CA SER A 165 -10.15 -5.83 18.49
C SER A 165 -11.26 -5.12 17.72
N THR A 166 -12.51 -5.48 18.00
CA THR A 166 -13.61 -4.77 17.36
C THR A 166 -13.45 -3.30 17.73
N PHE A 167 -14.15 -2.43 17.04
CA PHE A 167 -14.00 -1.01 17.29
C PHE A 167 -15.32 -0.30 17.18
N THR A 168 -15.39 0.84 17.81
CA THR A 168 -16.57 1.65 17.74
C THR A 168 -15.95 3.05 17.87
N ALA A 169 -16.38 4.01 17.08
CA ALA A 169 -15.67 5.29 17.07
C ALA A 169 -16.60 6.47 16.90
N SER A 170 -16.46 7.46 17.79
CA SER A 170 -17.18 8.72 17.72
C SER A 170 -16.18 9.81 17.45
N ILE A 171 -16.25 10.39 16.27
CA ILE A 171 -15.30 11.41 15.88
C ILE A 171 -16.05 12.69 15.55
N GLU A 172 -15.64 13.78 16.18
CA GLU A 172 -16.25 15.09 15.94
C GLU A 172 -15.34 15.97 15.11
N SER A 173 -15.92 16.74 14.20
CA SER A 173 -15.12 17.52 13.25
C SER A 173 -16.02 18.55 12.59
N PRO A 174 -15.48 19.76 12.36
CA PRO A 174 -16.22 20.76 11.59
C PRO A 174 -16.48 20.27 10.16
N LEU A 175 -15.65 19.34 9.70
CA LEU A 175 -15.78 18.77 8.37
C LEU A 175 -16.15 17.27 8.45
N PRO A 176 -16.79 16.73 7.39
CA PRO A 176 -17.19 15.32 7.36
C PRO A 176 -16.05 14.37 7.71
N VAL A 177 -16.41 13.20 8.24
CA VAL A 177 -15.42 12.22 8.65
C VAL A 177 -15.74 10.85 8.05
N VAL A 178 -14.72 10.20 7.52
CA VAL A 178 -14.82 8.81 7.13
C VAL A 178 -13.91 7.99 8.05
N PHE A 179 -14.26 6.73 8.29
CA PHE A 179 -13.55 5.90 9.24
C PHE A 179 -13.43 4.50 8.69
N SER A 180 -12.46 3.75 9.20
CA SER A 180 -12.32 2.35 8.88
C SER A 180 -13.38 1.57 9.64
N GLY A 181 -14.64 1.84 9.31
CA GLY A 181 -15.73 1.19 9.97
C GLY A 181 -16.94 1.51 9.16
N ILE A 182 -18.09 1.04 9.61
CA ILE A 182 -19.36 1.32 8.97
C ILE A 182 -20.11 2.31 9.83
N ARG A 183 -20.53 3.40 9.21
CA ARG A 183 -21.17 4.46 9.94
C ARG A 183 -22.50 4.02 10.53
N ILE A 184 -22.74 4.37 11.78
CA ILE A 184 -23.99 4.08 12.47
C ILE A 184 -24.97 5.26 12.33
N GLU A 185 -26.25 4.98 12.54
CA GLU A 185 -27.28 6.01 12.51
C GLU A 185 -27.13 6.96 13.70
N ASP A 186 -27.20 8.26 13.43
CA ASP A 186 -27.00 9.25 14.49
C ASP A 186 -28.22 10.17 14.62
N THR A 187 -28.43 10.71 15.81
CA THR A 187 -29.53 11.65 16.04
C THR A 187 -29.29 12.47 17.30
N ASP A 190 -27.56 18.80 14.11
CA ASP A 190 -26.27 18.16 13.89
C ASP A 190 -25.25 18.67 14.90
N THR A 191 -24.61 17.74 15.60
CA THR A 191 -23.58 18.08 16.57
C THR A 191 -22.20 17.89 15.96
N ASN A 192 -22.17 17.57 14.66
CA ASN A 192 -20.93 17.28 13.94
C ASN A 192 -20.15 16.09 14.48
N ILE A 193 -20.88 15.12 15.02
CA ILE A 193 -20.26 13.94 15.59
C ILE A 193 -20.59 12.71 14.73
N TYR A 194 -19.58 12.18 14.03
CA TYR A 194 -19.74 10.99 13.19
C TYR A 194 -19.44 9.72 13.98
N ARG A 195 -20.25 8.70 13.78
CA ARG A 195 -20.18 7.46 14.57
C ARG A 195 -20.08 6.23 13.69
N PHE A 196 -19.11 5.38 13.98
CA PHE A 196 -18.88 4.19 13.17
C PHE A 196 -18.70 2.93 14.00
N GLU A 197 -18.94 1.80 13.35
CA GLU A 197 -18.72 0.49 13.96
C GLU A 197 -17.79 -0.33 13.09
N GLN A 198 -16.78 -0.94 13.71
CA GLN A 198 -15.99 -1.98 13.08
C GLN A 198 -16.32 -3.31 13.75
N LYS A 199 -17.25 -4.06 13.17
CA LYS A 199 -17.78 -5.31 13.74
C LYS A 199 -16.81 -6.49 13.65
N VAL A 200 -15.81 -6.36 12.79
CA VAL A 200 -14.78 -7.36 12.64
C VAL A 200 -13.53 -6.93 13.40
N PRO A 201 -12.82 -7.88 14.03
CA PRO A 201 -11.63 -7.47 14.76
C PRO A 201 -10.51 -7.02 13.82
N ILE A 202 -10.02 -5.82 14.05
CA ILE A 202 -8.89 -5.31 13.29
C ILE A 202 -7.77 -4.90 14.22
N PRO A 203 -6.54 -4.90 13.70
CA PRO A 203 -5.36 -4.35 14.37
C PRO A 203 -5.40 -2.85 14.27
N ALA A 204 -4.66 -2.17 15.14
CA ALA A 204 -4.72 -0.72 15.20
C ALA A 204 -4.07 -0.03 14.00
N TYR A 205 -3.12 -0.68 13.34
CA TYR A 205 -2.50 -0.08 12.15
C TYR A 205 -3.50 0.02 11.01
N LEU A 206 -4.61 -0.72 11.11
CA LEU A 206 -5.64 -0.66 10.08
C LEU A 206 -6.66 0.43 10.38
N ILE A 207 -6.62 0.96 11.60
CA ILE A 207 -7.46 2.10 11.98
C ILE A 207 -7.17 3.24 11.03
N GLY A 208 -8.20 3.78 10.41
CA GLY A 208 -8.00 4.83 9.45
C GLY A 208 -9.05 5.89 9.64
N ILE A 209 -8.62 7.14 9.68
CA ILE A 209 -9.54 8.26 9.80
C ILE A 209 -9.19 9.28 8.70
N ALA A 210 -10.21 9.89 8.12
CA ALA A 210 -10.02 11.02 7.23
C ALA A 210 -11.15 12.00 7.44
N SER A 211 -10.81 13.28 7.45
CA SER A 211 -11.80 14.33 7.60
C SER A 211 -11.45 15.48 6.68
N GLY A 212 -12.44 15.93 5.91
CA GLY A 212 -12.26 17.02 4.98
C GLY A 212 -13.56 17.33 4.28
N ASP A 213 -13.50 18.03 3.17
CA ASP A 213 -14.72 18.33 2.43
C ASP A 213 -15.06 17.13 1.56
N LEU A 214 -15.85 16.21 2.09
CA LEU A 214 -16.16 14.98 1.38
C LEU A 214 -17.66 14.84 1.12
N SER A 215 -17.99 14.38 -0.08
CA SER A 215 -19.34 13.93 -0.39
C SER A 215 -19.22 12.50 -0.87
N SER A 216 -20.32 11.87 -1.22
CA SER A 216 -20.30 10.45 -1.56
C SER A 216 -21.27 10.06 -2.67
N ALA A 217 -21.03 8.90 -3.27
CA ALA A 217 -21.87 8.39 -4.35
C ALA A 217 -21.76 6.88 -4.47
N PRO A 218 -22.85 6.21 -4.82
CA PRO A 218 -22.79 4.76 -4.99
C PRO A 218 -21.89 4.37 -6.15
N ILE A 219 -21.05 3.37 -5.96
CA ILE A 219 -20.28 2.79 -7.04
C ILE A 219 -20.55 1.31 -7.09
N GLY A 220 -21.51 0.86 -6.30
CA GLY A 220 -21.88 -0.54 -6.32
C GLY A 220 -22.97 -0.83 -5.32
N PRO A 221 -23.44 -2.08 -5.29
CA PRO A 221 -24.52 -2.43 -4.35
C PRO A 221 -24.03 -2.36 -2.91
N ARG A 222 -22.75 -2.64 -2.69
CA ARG A 222 -22.18 -2.62 -1.34
C ARG A 222 -20.96 -1.70 -1.31
N SER A 223 -20.97 -0.71 -2.19
CA SER A 223 -19.84 0.21 -2.30
C SER A 223 -20.25 1.65 -2.60
N THR A 224 -19.52 2.58 -1.98
CA THR A 224 -19.77 4.00 -2.02
C THR A 224 -18.40 4.62 -2.17
N VAL A 225 -18.29 5.73 -2.88
CA VAL A 225 -17.00 6.40 -2.99
C VAL A 225 -17.05 7.78 -2.29
N TYR A 226 -16.00 8.10 -1.54
CA TYR A 226 -15.86 9.38 -0.86
C TYR A 226 -14.71 10.17 -1.48
N THR A 227 -14.95 11.45 -1.75
CA THR A 227 -13.92 12.29 -2.32
C THR A 227 -14.39 13.75 -2.33
N GLU A 228 -13.52 14.68 -2.69
CA GLU A 228 -13.93 16.07 -2.88
C GLU A 228 -15.05 16.17 -3.91
N PRO A 229 -16.02 17.06 -3.67
CA PRO A 229 -17.22 17.15 -4.51
C PRO A 229 -16.93 17.38 -5.99
N PHE A 230 -15.93 18.17 -6.32
CA PHE A 230 -15.71 18.49 -7.73
C PHE A 230 -15.35 17.23 -8.49
N ARG A 231 -14.74 16.29 -7.78
CA ARG A 231 -14.18 15.10 -8.37
C ARG A 231 -15.13 13.94 -8.22
N LEU A 232 -16.30 14.21 -7.66
CA LEU A 232 -17.19 13.16 -7.22
C LEU A 232 -17.77 12.33 -8.34
N LYS A 233 -18.34 12.98 -9.35
CA LYS A 233 -18.93 12.23 -10.45
C LYS A 233 -17.88 11.49 -11.28
N ASP A 234 -16.70 12.07 -11.40
CA ASP A 234 -15.57 11.42 -12.05
C ASP A 234 -15.13 10.12 -11.38
N CYS A 235 -14.79 10.21 -10.10
CA CYS A 235 -14.43 9.06 -9.27
C CYS A 235 -15.48 7.97 -9.32
N GLN A 236 -16.76 8.37 -9.30
CA GLN A 236 -17.85 7.41 -9.33
C GLN A 236 -17.86 6.67 -10.65
N TRP A 237 -17.60 7.39 -11.73
CA TRP A 237 -17.58 6.75 -13.03
C TRP A 237 -16.40 5.76 -13.11
N GLU A 238 -15.30 6.13 -12.47
CA GLU A 238 -14.10 5.32 -12.55
C GLU A 238 -14.33 3.95 -11.91
N PHE A 239 -14.89 3.96 -10.72
CA PHE A 239 -15.01 2.76 -9.93
C PHE A 239 -16.29 1.98 -10.20
N GLU A 240 -17.32 2.66 -10.65
CA GLU A 240 -18.68 2.10 -10.63
C GLU A 240 -18.94 0.91 -11.54
N ASN A 241 -18.08 0.70 -12.52
CA ASN A 241 -18.31 -0.37 -13.48
C ASN A 241 -17.68 -1.70 -13.04
N ASP A 242 -16.60 -1.61 -12.27
CA ASP A 242 -15.76 -2.76 -11.97
C ASP A 242 -15.73 -3.17 -10.50
N VAL A 243 -16.01 -2.24 -9.61
CA VAL A 243 -15.78 -2.47 -8.18
C VAL A 243 -16.55 -3.67 -7.63
N GLU A 244 -17.80 -3.85 -8.07
CA GLU A 244 -18.61 -4.97 -7.60
C GLU A 244 -18.15 -6.26 -8.26
N LYS A 245 -17.64 -6.13 -9.48
CA LYS A 245 -17.15 -7.26 -10.24
C LYS A 245 -15.87 -7.77 -9.59
N PHE A 246 -14.99 -6.86 -9.20
CA PHE A 246 -13.78 -7.23 -8.49
C PHE A 246 -14.12 -8.02 -7.24
N ILE A 247 -15.04 -7.48 -6.44
CA ILE A 247 -15.39 -8.11 -5.18
C ILE A 247 -15.86 -9.54 -5.45
N GLN A 248 -16.71 -9.70 -6.45
CA GLN A 248 -17.22 -11.02 -6.80
C GLN A 248 -16.14 -11.93 -7.39
N THR A 249 -15.18 -11.39 -8.12
CA THR A 249 -14.06 -12.20 -8.61
C THR A 249 -13.25 -12.74 -7.45
N ALA A 250 -13.03 -11.88 -6.46
CA ALA A 250 -12.30 -12.24 -5.25
C ALA A 250 -13.10 -13.17 -4.35
N GLU A 251 -14.42 -13.08 -4.39
CA GLU A 251 -15.27 -13.97 -3.60
C GLU A 251 -15.25 -15.40 -4.18
N LYS A 252 -15.03 -15.51 -5.50
CA LYS A 252 -15.00 -16.80 -6.18
C LYS A 252 -13.67 -17.50 -5.95
N ILE A 253 -12.59 -16.73 -5.84
CA ILE A 253 -11.25 -17.29 -5.64
C ILE A 253 -11.06 -17.75 -4.19
N ILE A 254 -11.59 -16.96 -3.26
CA ILE A 254 -11.53 -17.30 -1.85
C ILE A 254 -12.94 -17.60 -1.34
N PHE A 255 -13.56 -16.66 -0.65
CA PHE A 255 -14.90 -16.88 -0.15
C PHE A 255 -15.65 -15.56 0.13
N GLU A 256 -16.94 -15.63 0.44
CA GLU A 256 -17.73 -14.42 0.69
C GLU A 256 -16.98 -13.29 1.44
N TYR A 257 -17.10 -12.08 0.93
CA TYR A 257 -16.55 -10.88 1.55
C TYR A 257 -17.15 -10.69 2.95
N GLU A 258 -16.30 -10.37 3.91
CA GLU A 258 -16.66 -10.50 5.32
C GLU A 258 -16.99 -9.18 6.01
N TRP A 259 -16.77 -8.07 5.33
CA TRP A 259 -16.78 -6.75 5.97
C TRP A 259 -18.05 -5.93 5.73
N GLY A 260 -19.00 -6.49 4.97
CA GLY A 260 -20.22 -5.78 4.66
C GLY A 260 -20.08 -4.96 3.39
N THR A 261 -19.73 -3.70 3.56
CA THR A 261 -19.50 -2.81 2.42
C THR A 261 -18.00 -2.68 2.05
N TYR A 262 -17.70 -2.52 0.76
CA TYR A 262 -16.35 -2.15 0.30
C TYR A 262 -16.34 -0.72 -0.26
N ASP A 263 -15.91 0.24 0.54
CA ASP A 263 -15.92 1.65 0.17
C ASP A 263 -14.51 2.12 -0.19
N ILE A 264 -14.41 3.21 -0.95
CA ILE A 264 -13.14 3.77 -1.39
C ILE A 264 -13.10 5.28 -1.14
N LEU A 265 -12.11 5.74 -0.38
CA LEU A 265 -11.87 7.18 -0.20
C LEU A 265 -10.82 7.62 -1.18
N VAL A 266 -11.17 8.50 -2.09
CA VAL A 266 -10.18 9.05 -3.00
C VAL A 266 -9.66 10.33 -2.38
N ASN A 267 -8.42 10.27 -1.90
CA ASN A 267 -7.86 11.36 -1.11
C ASN A 267 -7.61 12.65 -1.85
N VAL A 268 -7.10 13.65 -1.14
CA VAL A 268 -6.89 14.92 -1.79
C VAL A 268 -5.74 14.78 -2.76
N ASP A 269 -5.63 15.74 -3.67
CA ASP A 269 -4.63 15.71 -4.75
C ASP A 269 -3.16 15.75 -4.24
N SER A 270 -2.99 16.13 -2.98
CA SER A 270 -1.73 16.49 -2.37
C SER A 270 -1.24 15.30 -1.57
N TYR A 271 -2.11 14.29 -1.56
CA TYR A 271 -1.87 12.97 -1.01
C TYR A 271 -0.67 12.35 -1.67
N PRO A 272 0.38 12.10 -0.88
CA PRO A 272 1.63 11.80 -1.56
C PRO A 272 1.86 10.29 -1.68
N TYR A 273 1.00 9.52 -1.03
CA TYR A 273 1.20 8.08 -0.91
C TYR A 273 0.55 7.34 -2.07
N GLY A 274 0.48 6.01 -1.96
CA GLY A 274 -0.06 5.22 -3.04
C GLY A 274 -1.25 4.34 -2.66
N GLY A 275 -1.88 4.61 -1.53
CA GLY A 275 -3.04 3.85 -1.11
C GLY A 275 -2.87 3.12 0.21
N MET A 276 -4.00 2.70 0.78
CA MET A 276 -4.01 2.07 2.08
C MET A 276 -5.28 1.24 2.17
N GLU A 277 -5.22 0.13 2.90
CA GLU A 277 -6.27 -0.87 2.90
C GLU A 277 -6.98 -0.94 4.25
N SER A 278 -7.27 0.22 4.82
CA SER A 278 -8.06 0.32 6.04
C SER A 278 -9.39 -0.32 5.73
N PRO A 279 -9.81 -1.25 6.60
CA PRO A 279 -11.05 -1.99 6.35
C PRO A 279 -12.28 -1.07 6.26
N ASN A 280 -13.21 -1.39 5.38
CA ASN A 280 -14.43 -0.58 5.17
C ASN A 280 -14.21 0.83 4.63
N MET A 281 -12.94 1.23 4.45
CA MET A 281 -12.61 2.47 3.74
C MET A 281 -11.21 2.42 3.13
N THR A 282 -11.09 1.93 1.89
CA THR A 282 -9.82 1.88 1.17
C THR A 282 -9.40 3.30 0.79
N PHE A 283 -8.22 3.72 1.24
CA PHE A 283 -7.65 5.00 0.83
C PHE A 283 -7.04 4.84 -0.54
N ALA A 284 -7.56 5.59 -1.51
CA ALA A 284 -7.07 5.47 -2.87
C ALA A 284 -6.45 6.78 -3.31
N THR A 285 -5.54 6.70 -4.27
CA THR A 285 -4.90 7.88 -4.81
C THR A 285 -5.72 8.42 -6.00
N PRO A 286 -5.76 9.74 -6.17
CA PRO A 286 -6.50 10.34 -7.28
C PRO A 286 -5.90 9.98 -8.65
N THR A 287 -4.63 9.57 -8.69
CA THR A 287 -4.01 9.16 -9.94
C THR A 287 -4.61 7.83 -10.38
N LEU A 288 -5.59 7.40 -9.70
CA LEU A 288 -6.36 6.23 -10.12
C LEU A 288 -7.43 6.67 -11.06
N ILE A 289 -7.79 7.94 -10.96
CA ILE A 289 -8.80 8.49 -11.84
C ILE A 289 -8.23 8.83 -13.22
N ALA A 290 -8.42 7.96 -14.20
CA ALA A 290 -7.85 8.15 -15.57
C ALA A 290 -8.91 8.60 -16.56
N HIS A 291 -10.10 8.37 -16.28
CA HIS A 291 -11.22 8.78 -17.13
C HIS A 291 -11.48 7.75 -18.24
N ASP A 292 -10.79 6.61 -18.16
CA ASP A 292 -11.02 5.51 -19.08
C ASP A 292 -11.02 4.15 -18.37
N ARG A 293 -10.80 4.17 -17.06
CA ARG A 293 -10.80 2.98 -16.20
C ARG A 293 -9.60 2.08 -16.46
N SER A 294 -8.51 2.68 -16.93
CA SER A 294 -7.33 1.92 -17.35
C SER A 294 -6.38 1.68 -16.18
N ASN A 295 -6.37 2.58 -15.20
CA ASN A 295 -5.47 2.46 -14.06
C ASN A 295 -6.26 2.08 -12.80
N ILE A 296 -7.00 0.98 -12.93
CA ILE A 296 -8.10 0.59 -12.05
C ILE A 296 -7.80 -0.71 -11.29
N ASP A 297 -7.05 -1.61 -11.92
CA ASP A 297 -6.64 -2.87 -11.30
C ASP A 297 -5.90 -2.63 -9.99
N VAL A 298 -5.51 -1.39 -9.72
CA VAL A 298 -4.90 -1.04 -8.44
C VAL A 298 -5.87 -1.32 -7.28
N ILE A 299 -7.17 -1.37 -7.58
CA ILE A 299 -8.22 -1.56 -6.57
C ILE A 299 -8.29 -3.01 -6.06
N ALA A 300 -7.88 -3.95 -6.92
CA ALA A 300 -7.89 -5.37 -6.60
C ALA A 300 -6.96 -5.70 -5.43
N HIS A 301 -5.93 -4.89 -5.28
CA HIS A 301 -4.94 -5.10 -4.22
C HIS A 301 -5.47 -4.77 -2.82
N GLU A 302 -6.00 -3.56 -2.68
CA GLU A 302 -6.62 -3.12 -1.45
C GLU A 302 -7.80 -3.99 -1.13
N LEU A 303 -8.58 -4.33 -2.13
CA LEU A 303 -9.72 -5.20 -1.95
C LEU A 303 -9.23 -6.54 -1.43
N ALA A 304 -8.17 -7.03 -2.03
CA ALA A 304 -7.63 -8.33 -1.67
C ALA A 304 -7.26 -8.38 -0.19
N HIS A 305 -6.84 -7.24 0.35
CA HIS A 305 -6.43 -7.15 1.74
C HIS A 305 -7.55 -7.46 2.69
N SER A 306 -8.77 -7.36 2.19
CA SER A 306 -9.93 -7.66 3.00
C SER A 306 -9.82 -9.07 3.55
N TRP A 307 -9.17 -9.96 2.82
CA TRP A 307 -8.90 -11.31 3.33
C TRP A 307 -7.51 -11.39 3.94
N SER A 308 -6.47 -11.12 3.15
CA SER A 308 -5.10 -11.30 3.63
C SER A 308 -4.50 -10.02 4.18
N GLY A 309 -4.28 -9.99 5.49
CA GLY A 309 -3.75 -8.81 6.12
C GLY A 309 -4.79 -8.15 7.01
N ASN A 310 -6.03 -8.07 6.54
CA ASN A 310 -7.07 -7.46 7.30
C ASN A 310 -7.79 -8.53 8.05
N LEU A 311 -8.15 -9.60 7.33
CA LEU A 311 -8.84 -10.72 7.96
C LEU A 311 -7.85 -11.64 8.64
N VAL A 312 -6.80 -12.02 7.92
CA VAL A 312 -5.73 -12.84 8.46
C VAL A 312 -4.43 -12.05 8.50
N THR A 313 -3.95 -11.73 9.70
CA THR A 313 -2.90 -10.74 9.86
C THR A 313 -1.50 -11.29 10.18
N ASN A 314 -0.47 -10.67 9.61
CA ASN A 314 0.89 -10.95 10.05
C ASN A 314 1.02 -10.54 11.51
N CYS A 315 1.40 -11.47 12.36
CA CYS A 315 1.49 -11.18 13.79
C CYS A 315 2.59 -10.18 14.12
N SER A 316 3.54 -10.04 13.21
CA SER A 316 4.62 -9.10 13.42
C SER A 316 5.17 -8.60 12.11
N TRP A 317 6.00 -7.58 12.19
CA TRP A 317 6.60 -7.05 11.00
C TRP A 317 7.83 -7.85 10.63
N ASN A 318 8.04 -8.96 11.34
CA ASN A 318 9.00 -9.96 10.90
C ASN A 318 8.36 -10.90 9.90
N HIS A 319 7.03 -10.90 9.87
CA HIS A 319 6.32 -11.87 9.04
C HIS A 319 5.36 -11.17 8.12
N PHE A 320 5.78 -9.98 7.70
CA PHE A 320 4.98 -9.10 6.90
C PHE A 320 4.64 -9.67 5.53
N TRP A 321 5.44 -10.63 5.06
CA TRP A 321 5.25 -11.22 3.74
C TRP A 321 3.90 -11.94 3.62
N LEU A 322 3.40 -12.44 4.75
CA LEU A 322 2.10 -13.09 4.83
C LEU A 322 0.94 -12.11 4.64
N ASN A 323 1.23 -10.85 4.90
CA ASN A 323 0.31 -9.77 4.67
C ASN A 323 0.34 -9.48 3.18
N GLU A 324 1.47 -8.95 2.74
CA GLU A 324 1.62 -8.37 1.40
C GLU A 324 1.85 -9.35 0.24
N GLY A 325 2.58 -10.42 0.49
CA GLY A 325 2.78 -11.44 -0.52
C GLY A 325 1.49 -12.14 -0.88
N TRP A 326 0.74 -12.58 0.12
CA TRP A 326 -0.54 -13.23 -0.11
C TRP A 326 -1.48 -12.29 -0.86
N THR A 327 -1.27 -11.00 -0.68
CA THR A 327 -2.17 -10.02 -1.25
C THR A 327 -1.84 -9.76 -2.71
N VAL A 328 -0.56 -9.69 -3.02
CA VAL A 328 -0.15 -9.59 -4.41
C VAL A 328 -0.61 -10.83 -5.16
N TYR A 329 -0.46 -12.02 -4.54
CA TYR A 329 -0.91 -13.27 -5.16
C TYR A 329 -2.39 -13.23 -5.47
N LEU A 330 -3.19 -13.05 -4.43
CA LEU A 330 -4.63 -12.98 -4.58
C LEU A 330 -5.02 -11.85 -5.54
N GLU A 331 -4.27 -10.74 -5.50
CA GLU A 331 -4.50 -9.59 -6.38
C GLU A 331 -4.32 -9.98 -7.83
N ARG A 332 -3.21 -10.65 -8.12
CA ARG A 332 -2.92 -11.11 -9.45
C ARG A 332 -3.86 -12.22 -9.88
N ARG A 333 -4.44 -12.93 -8.90
CA ARG A 333 -5.43 -13.94 -9.20
C ARG A 333 -6.78 -13.33 -9.57
N ILE A 334 -7.10 -12.21 -8.94
CA ILE A 334 -8.30 -11.47 -9.28
C ILE A 334 -8.22 -10.91 -10.69
N ILE A 335 -7.10 -10.26 -11.03
CA ILE A 335 -6.93 -9.72 -12.38
C ILE A 335 -6.79 -10.83 -13.41
N GLY A 336 -6.07 -11.89 -13.06
CA GLY A 336 -5.99 -13.05 -13.91
C GLY A 336 -7.36 -13.61 -14.26
N ALA A 337 -8.27 -13.55 -13.30
CA ALA A 337 -9.61 -14.11 -13.49
C ALA A 337 -10.41 -13.22 -14.41
N ILE A 338 -10.09 -11.92 -14.37
CA ILE A 338 -10.80 -10.90 -15.14
C ILE A 338 -10.20 -10.70 -16.54
N HIS A 339 -8.89 -10.56 -16.63
CA HIS A 339 -8.25 -10.21 -17.90
C HIS A 339 -7.56 -11.37 -18.65
N GLY A 340 -7.48 -12.52 -18.00
CA GLY A 340 -6.83 -13.69 -18.59
C GLY A 340 -5.47 -13.98 -17.96
N GLU A 341 -5.03 -15.23 -18.09
CA GLU A 341 -3.79 -15.69 -17.47
C GLU A 341 -2.55 -14.93 -17.96
N PRO A 342 -2.47 -14.65 -19.27
CA PRO A 342 -1.31 -13.89 -19.74
C PRO A 342 -1.14 -12.55 -19.00
N THR A 343 -2.22 -11.94 -18.56
CA THR A 343 -2.12 -10.67 -17.84
C THR A 343 -1.48 -10.81 -16.45
N ARG A 344 -1.92 -11.81 -15.68
CA ARG A 344 -1.37 -12.03 -14.34
C ARG A 344 0.10 -12.36 -14.42
N HIS A 345 0.48 -13.14 -15.44
CA HIS A 345 1.87 -13.48 -15.71
C HIS A 345 2.70 -12.24 -16.04
N PHE A 346 2.09 -11.33 -16.79
CA PHE A 346 2.71 -10.05 -17.08
C PHE A 346 2.82 -9.17 -15.83
N SER A 347 1.75 -9.09 -15.04
CA SER A 347 1.78 -8.43 -13.74
C SER A 347 2.92 -9.00 -12.91
N ALA A 348 2.99 -10.32 -12.88
CA ALA A 348 4.02 -11.06 -12.17
C ALA A 348 5.40 -10.73 -12.71
N LEU A 349 5.53 -10.72 -14.03
CA LEU A 349 6.80 -10.40 -14.68
C LEU A 349 7.28 -8.96 -14.43
N ILE A 350 6.37 -8.00 -14.39
CA ILE A 350 6.75 -6.63 -14.05
C ILE A 350 7.16 -6.59 -12.59
N GLY A 351 6.55 -7.45 -11.80
CA GLY A 351 6.83 -7.51 -10.38
C GLY A 351 8.23 -8.04 -10.13
N TRP A 352 8.63 -9.03 -10.93
CA TRP A 352 10.00 -9.52 -10.88
C TRP A 352 10.99 -8.41 -11.16
N SER A 353 10.69 -7.56 -12.13
CA SER A 353 11.50 -6.38 -12.43
C SER A 353 11.59 -5.43 -11.22
N ASP A 354 10.46 -5.13 -10.57
CA ASP A 354 10.42 -4.30 -9.35
C ASP A 354 11.26 -4.84 -8.19
N LEU A 355 11.29 -6.17 -8.05
CA LEU A 355 12.03 -6.83 -7.00
C LEU A 355 13.53 -6.61 -7.15
N GLN A 356 14.03 -6.77 -8.36
CA GLN A 356 15.47 -6.66 -8.61
C GLN A 356 15.99 -5.24 -8.46
N ASN A 357 15.25 -4.24 -8.92
CA ASN A 357 15.63 -2.86 -8.63
C ASN A 357 15.59 -2.60 -7.12
N SER A 358 14.66 -3.26 -6.43
CA SER A 358 14.52 -3.06 -4.98
C SER A 358 15.65 -3.71 -4.21
N ILE A 359 16.16 -4.83 -4.74
CA ILE A 359 17.23 -5.58 -4.09
C ILE A 359 18.60 -5.02 -4.44
N ASP A 360 18.80 -4.65 -5.71
CA ASP A 360 20.04 -4.03 -6.16
C ASP A 360 20.30 -2.77 -5.36
N SER A 361 19.23 -2.05 -5.04
CA SER A 361 19.29 -0.68 -4.54
C SER A 361 19.13 -0.56 -3.00
N MET A 362 18.13 -1.24 -2.44
CA MET A 362 17.82 -1.15 -1.02
C MET A 362 19.12 -1.16 -0.24
N LYS A 363 19.15 -0.39 0.84
CA LYS A 363 20.33 -0.31 1.69
C LYS A 363 20.37 -1.51 2.60
N ASP A 364 21.56 -2.04 2.84
CA ASP A 364 21.70 -3.25 3.65
C ASP A 364 20.91 -4.36 2.96
N PRO A 365 21.14 -4.53 1.66
CA PRO A 365 20.38 -5.47 0.84
C PRO A 365 20.55 -6.91 1.33
N GLU A 366 21.38 -7.10 2.35
CA GLU A 366 21.75 -8.42 2.86
C GLU A 366 20.98 -8.85 4.09
N ARG A 367 20.47 -7.87 4.82
CA ARG A 367 19.66 -8.15 5.99
C ARG A 367 18.18 -8.05 5.63
N PHE A 368 17.81 -6.95 4.95
CA PHE A 368 16.40 -6.62 4.69
C PHE A 368 15.77 -7.26 3.43
N SER A 369 16.58 -7.94 2.62
CA SER A 369 16.16 -8.50 1.35
C SER A 369 15.66 -9.91 1.52
N THR A 370 15.83 -10.39 2.75
CA THR A 370 15.40 -11.71 3.16
C THR A 370 13.89 -11.72 3.34
N LEU A 371 13.24 -12.80 2.94
CA LEU A 371 11.78 -12.84 2.99
C LEU A 371 11.25 -12.68 4.42
N VAL A 372 11.60 -13.61 5.31
CA VAL A 372 11.23 -13.49 6.71
C VAL A 372 12.22 -12.54 7.37
N GLN A 373 11.73 -11.42 7.85
CA GLN A 373 12.61 -10.45 8.50
C GLN A 373 12.95 -10.88 9.90
N ASN A 374 13.81 -10.09 10.54
CA ASN A 374 14.23 -10.35 11.89
C ASN A 374 14.52 -9.04 12.57
N LEU A 375 13.46 -8.29 12.82
CA LEU A 375 13.58 -7.08 13.57
C LEU A 375 13.52 -7.48 15.02
N ASN A 376 14.52 -7.10 15.80
CA ASN A 376 14.38 -7.10 17.25
C ASN A 376 13.67 -5.79 17.70
N ASP A 377 13.77 -5.44 18.99
CA ASP A 377 13.25 -4.17 19.56
C ASP A 377 13.99 -2.87 19.13
N ASN A 378 14.93 -3.01 18.20
CA ASN A 378 15.81 -1.92 17.75
C ASN A 378 15.59 -1.40 16.31
N THR A 379 15.30 -2.30 15.37
CA THR A 379 15.09 -1.91 13.97
C THR A 379 13.72 -1.31 13.75
N ASP A 380 13.67 -0.12 13.17
CA ASP A 380 12.42 0.50 12.82
C ASP A 380 11.72 -0.45 11.90
N PRO A 381 10.46 -0.79 12.21
CA PRO A 381 9.73 -1.73 11.38
C PRO A 381 9.65 -1.29 9.91
N ASP A 382 9.92 -0.03 9.61
CA ASP A 382 9.86 0.49 8.24
C ASP A 382 10.90 -0.11 7.30
N ASP A 383 12.03 -0.55 7.85
CA ASP A 383 13.08 -1.18 7.03
C ASP A 383 12.61 -2.50 6.46
N ALA A 384 11.62 -3.09 7.11
CA ALA A 384 11.00 -4.32 6.65
C ALA A 384 10.06 -4.11 5.46
N PHE A 385 9.76 -2.86 5.14
CA PHE A 385 8.86 -2.56 4.03
C PHE A 385 9.67 -2.20 2.77
N SER A 386 9.79 -3.17 1.87
CA SER A 386 10.36 -2.97 0.56
C SER A 386 9.60 -3.87 -0.38
N THR A 387 10.09 -4.05 -1.60
CA THR A 387 9.34 -4.83 -2.56
C THR A 387 9.43 -6.31 -2.27
N VAL A 388 10.36 -6.69 -1.42
CA VAL A 388 10.56 -8.10 -1.10
C VAL A 388 9.28 -8.80 -0.65
N PRO A 389 8.64 -8.33 0.44
CA PRO A 389 7.44 -9.00 0.95
C PRO A 389 6.40 -9.22 -0.14
N TYR A 390 6.17 -8.19 -0.93
CA TYR A 390 5.22 -8.27 -2.02
C TYR A 390 5.58 -9.32 -3.07
N GLU A 391 6.78 -9.18 -3.64
CA GLU A 391 7.12 -9.90 -4.86
C GLU A 391 7.73 -11.26 -4.64
N LYS A 392 8.68 -11.32 -3.71
CA LYS A 392 9.30 -12.57 -3.34
C LYS A 392 8.28 -13.41 -2.60
N GLY A 393 7.39 -12.74 -1.89
CA GLY A 393 6.24 -13.39 -1.27
C GLY A 393 5.23 -13.85 -2.31
N PHE A 394 5.01 -13.05 -3.35
CA PHE A 394 4.17 -13.50 -4.45
C PHE A 394 4.78 -14.72 -5.09
N ASN A 395 6.08 -14.64 -5.35
CA ASN A 395 6.79 -15.73 -6.01
C ASN A 395 6.81 -17.06 -5.24
N LEU A 396 6.90 -17.01 -3.91
CA LEU A 396 6.78 -18.24 -3.11
C LEU A 396 5.38 -18.83 -3.14
N LEU A 397 4.36 -17.98 -3.13
CA LEU A 397 3.01 -18.49 -3.16
C LEU A 397 2.67 -19.00 -4.55
N PHE A 398 3.24 -18.36 -5.56
CA PHE A 398 3.05 -18.77 -6.95
C PHE A 398 3.77 -20.10 -7.22
N HIS A 399 5.00 -20.22 -6.73
CA HIS A 399 5.75 -21.47 -6.78
C HIS A 399 4.97 -22.62 -6.17
N LEU A 400 4.42 -22.41 -4.97
CA LEU A 400 3.59 -23.41 -4.29
C LEU A 400 2.36 -23.78 -5.12
N GLU A 401 1.81 -22.83 -5.85
CA GLU A 401 0.65 -23.07 -6.70
C GLU A 401 0.99 -24.01 -7.84
N THR A 402 2.13 -23.74 -8.49
CA THR A 402 2.54 -24.47 -9.68
C THR A 402 2.78 -25.94 -9.33
N ILE A 403 3.63 -26.16 -8.34
CA ILE A 403 4.01 -27.51 -7.95
C ILE A 403 2.85 -28.35 -7.40
N LEU A 404 1.82 -27.73 -6.85
CA LEU A 404 0.70 -28.49 -6.28
C LEU A 404 -0.33 -28.86 -7.34
N GLY A 405 -0.06 -28.53 -8.58
CA GLY A 405 -0.97 -28.88 -9.66
C GLY A 405 -1.87 -27.74 -10.07
N GLY A 406 -1.45 -26.53 -9.76
CA GLY A 406 -2.15 -25.36 -10.27
C GLY A 406 -3.24 -24.79 -9.40
N LYS A 407 -4.01 -23.88 -9.99
CA LYS A 407 -5.01 -23.09 -9.26
C LYS A 407 -6.11 -23.94 -8.63
N ALA A 408 -6.60 -24.94 -9.35
CA ALA A 408 -7.65 -25.78 -8.82
C ALA A 408 -7.18 -26.66 -7.67
N GLU A 409 -5.87 -26.88 -7.57
CA GLU A 409 -5.33 -27.71 -6.50
C GLU A 409 -4.91 -26.86 -5.30
N PHE A 410 -4.52 -25.62 -5.59
CA PHE A 410 -4.04 -24.69 -4.56
C PHE A 410 -5.17 -23.83 -4.02
N ASP A 411 -6.18 -23.62 -4.86
CA ASP A 411 -7.33 -22.83 -4.46
C ASP A 411 -8.02 -23.35 -3.21
N PRO A 412 -8.11 -24.69 -3.08
CA PRO A 412 -8.68 -25.26 -1.85
C PRO A 412 -7.83 -24.95 -0.62
N PHE A 413 -6.51 -24.84 -0.79
CA PHE A 413 -5.64 -24.46 0.30
C PHE A 413 -5.80 -23.01 0.69
N ILE A 414 -6.16 -22.17 -0.27
CA ILE A 414 -6.35 -20.75 -0.01
C ILE A 414 -7.60 -20.54 0.86
N ARG A 415 -8.65 -21.31 0.60
CA ARG A 415 -9.88 -21.20 1.37
C ARG A 415 -9.77 -21.77 2.80
N HIS A 416 -8.97 -22.84 2.95
CA HIS A 416 -8.73 -23.43 4.27
C HIS A 416 -7.87 -22.49 5.12
N TYR A 417 -6.79 -21.97 4.53
CA TYR A 417 -5.90 -21.04 5.21
C TYR A 417 -6.64 -19.81 5.74
N PHE A 418 -7.34 -19.09 4.87
CA PHE A 418 -8.03 -17.86 5.28
C PHE A 418 -9.24 -18.16 6.17
N LYS A 419 -9.83 -19.33 5.99
CA LYS A 419 -10.92 -19.74 6.85
C LYS A 419 -10.39 -20.17 8.22
N LYS A 420 -9.20 -20.76 8.24
CA LYS A 420 -8.56 -21.23 9.47
C LYS A 420 -8.00 -20.11 10.37
N PHE A 421 -7.53 -19.03 9.77
CA PHE A 421 -6.95 -17.93 10.53
C PHE A 421 -7.79 -16.66 10.52
N ALA A 422 -9.02 -16.76 10.01
CA ALA A 422 -9.96 -15.66 10.02
C ALA A 422 -10.01 -14.98 11.37
N LYS A 423 -9.70 -13.69 11.39
CA LYS A 423 -9.84 -12.89 12.60
C LYS A 423 -8.70 -13.11 13.58
N LYS A 424 -7.63 -13.76 13.11
CA LYS A 424 -6.45 -14.04 13.94
C LYS A 424 -5.17 -13.56 13.27
N SER A 425 -4.06 -13.69 13.97
CA SER A 425 -2.73 -13.41 13.40
C SER A 425 -1.88 -14.68 13.37
N LEU A 426 -0.87 -14.69 12.51
CA LEU A 426 0.03 -15.84 12.43
C LEU A 426 1.41 -15.47 11.96
N ASP A 427 2.35 -16.39 12.13
CA ASP A 427 3.70 -16.19 11.63
C ASP A 427 3.99 -17.13 10.46
N THR A 428 5.17 -16.96 9.88
CA THR A 428 5.64 -17.83 8.80
C THR A 428 5.45 -19.31 9.13
N PHE A 429 6.00 -19.72 10.27
CA PHE A 429 5.96 -21.12 10.67
C PHE A 429 4.53 -21.65 10.80
N GLN A 430 3.60 -20.82 11.27
CA GLN A 430 2.21 -21.24 11.40
C GLN A 430 1.56 -21.46 10.04
N PHE A 431 2.03 -20.72 9.05
CA PHE A 431 1.53 -20.86 7.70
C PHE A 431 1.95 -22.20 7.12
N LEU A 432 3.23 -22.51 7.29
CA LEU A 432 3.83 -23.71 6.69
C LEU A 432 3.15 -24.98 7.19
N ASP A 433 2.90 -25.06 8.50
CA ASP A 433 2.24 -26.21 9.09
C ASP A 433 0.86 -26.42 8.46
N THR A 434 0.15 -25.33 8.24
CA THR A 434 -1.18 -25.42 7.69
C THR A 434 -1.05 -25.91 6.27
N LEU A 435 0.06 -25.52 5.64
CA LEU A 435 0.38 -25.94 4.28
C LEU A 435 0.66 -27.43 4.26
N TYR A 436 1.64 -27.86 5.04
CA TYR A 436 1.96 -29.27 5.16
C TYR A 436 0.76 -30.09 5.65
N GLU A 437 -0.02 -29.54 6.57
CA GLU A 437 -1.17 -30.25 7.14
C GLU A 437 -2.30 -30.48 6.14
N PHE A 438 -2.40 -29.62 5.14
CA PHE A 438 -3.51 -29.66 4.20
C PHE A 438 -3.27 -30.61 3.02
N TYR A 439 -2.01 -30.97 2.78
CA TYR A 439 -1.68 -31.94 1.75
C TYR A 439 -0.91 -33.15 2.32
N PRO A 440 -1.64 -34.21 2.72
CA PRO A 440 -0.97 -35.42 3.18
C PRO A 440 -0.37 -36.14 2.00
N GLU A 441 -1.17 -36.28 0.95
CA GLU A 441 -0.75 -36.93 -0.28
C GLU A 441 0.38 -36.16 -0.92
N LYS A 442 0.21 -34.84 -1.02
CA LYS A 442 1.18 -33.99 -1.71
C LYS A 442 2.45 -33.77 -0.88
N LYS A 443 2.63 -34.56 0.16
CA LYS A 443 3.75 -34.32 1.08
C LYS A 443 5.17 -34.39 0.45
N GLU A 444 5.30 -35.13 -0.65
CA GLU A 444 6.62 -35.45 -1.22
C GLU A 444 7.24 -34.31 -2.04
N ILE A 445 6.45 -33.68 -2.92
CA ILE A 445 6.87 -32.45 -3.61
C ILE A 445 6.79 -31.20 -2.73
N LEU A 446 5.83 -31.14 -1.81
CA LEU A 446 5.76 -30.02 -0.87
C LEU A 446 7.10 -29.89 -0.20
N ASP A 447 7.70 -31.06 0.06
CA ASP A 447 8.97 -31.13 0.74
C ASP A 447 10.10 -30.68 -0.21
N SER A 448 9.88 -30.72 -1.52
CA SER A 448 10.94 -30.33 -2.48
C SER A 448 11.24 -28.83 -2.50
N VAL A 449 10.38 -28.04 -1.86
CA VAL A 449 10.55 -26.59 -1.76
C VAL A 449 11.77 -26.22 -0.91
N ASP A 450 12.63 -25.35 -1.43
CA ASP A 450 13.80 -24.87 -0.68
C ASP A 450 13.42 -23.72 0.24
N TRP A 451 12.60 -24.04 1.24
CA TRP A 451 12.18 -23.05 2.20
C TRP A 451 13.35 -22.15 2.66
N GLU A 452 14.53 -22.72 2.90
CA GLU A 452 15.68 -21.93 3.39
C GLU A 452 16.13 -20.77 2.48
N THR A 453 16.08 -20.95 1.17
CA THR A 453 16.48 -19.86 0.28
C THR A 453 15.32 -18.89 0.10
N TRP A 454 14.11 -19.43 0.04
CA TRP A 454 12.94 -18.59 -0.13
C TRP A 454 12.72 -17.72 1.09
N LEU A 455 12.67 -18.37 2.25
CA LEU A 455 12.33 -17.70 3.51
C LEU A 455 13.48 -16.90 4.13
N TYR A 456 14.71 -17.41 4.03
CA TYR A 456 15.81 -16.85 4.80
C TYR A 456 17.09 -16.32 4.09
N LYS A 457 17.26 -16.53 2.77
CA LYS A 457 18.36 -15.95 1.99
C LYS A 457 17.97 -14.60 1.39
N PRO A 458 18.88 -13.63 1.42
CA PRO A 458 18.61 -12.39 0.68
C PRO A 458 18.72 -12.59 -0.83
N GLY A 459 18.57 -11.51 -1.58
CA GLY A 459 18.65 -11.56 -3.03
C GLY A 459 17.52 -12.29 -3.72
N MET A 460 17.61 -12.35 -5.05
CA MET A 460 16.57 -12.90 -5.89
C MET A 460 16.28 -14.34 -5.59
N PRO A 461 15.00 -14.67 -5.52
CA PRO A 461 14.57 -16.05 -5.28
C PRO A 461 14.70 -16.81 -6.57
N PRO A 462 14.47 -18.12 -6.54
CA PRO A 462 14.36 -18.94 -7.77
C PRO A 462 13.45 -18.28 -8.78
N ARG A 463 13.87 -18.17 -10.04
CA ARG A 463 13.07 -17.53 -11.09
C ARG A 463 11.97 -18.45 -11.61
N PRO A 464 10.70 -17.96 -11.64
CA PRO A 464 9.56 -18.75 -12.10
C PRO A 464 9.31 -18.57 -13.59
N HIS A 465 8.70 -19.55 -14.25
CA HIS A 465 8.45 -19.39 -15.67
C HIS A 465 7.08 -18.81 -15.87
N PHE A 466 7.02 -17.55 -16.28
CA PHE A 466 5.75 -16.91 -16.52
C PHE A 466 5.56 -16.79 -18.02
N ILE A 467 4.31 -16.88 -18.46
CA ILE A 467 3.96 -16.57 -19.84
C ILE A 467 4.45 -15.15 -20.14
N THR A 468 5.28 -14.99 -21.15
CA THR A 468 5.88 -13.67 -21.45
C THR A 468 5.18 -12.93 -22.59
N ALA A 469 4.09 -13.49 -23.10
CA ALA A 469 3.38 -12.93 -24.27
C ALA A 469 3.28 -11.40 -24.30
N LEU A 470 2.52 -10.85 -23.37
CA LEU A 470 2.28 -9.42 -23.30
C LEU A 470 3.56 -8.59 -23.16
N ALA A 471 4.62 -9.17 -22.62
CA ALA A 471 5.84 -8.43 -22.42
C ALA A 471 6.69 -8.54 -23.67
N ASP A 472 6.56 -9.66 -24.36
CA ASP A 472 7.27 -9.85 -25.60
C ASP A 472 6.84 -8.77 -26.59
N ASN A 473 5.53 -8.55 -26.72
CA ASN A 473 4.99 -7.51 -27.61
C ASN A 473 5.52 -6.11 -27.30
N VAL A 474 5.71 -5.82 -26.03
CA VAL A 474 6.22 -4.52 -25.63
C VAL A 474 7.68 -4.42 -26.04
N TYR A 475 8.44 -5.46 -25.69
CA TYR A 475 9.87 -5.47 -26.01
C TYR A 475 10.09 -5.50 -27.53
N GLN A 476 9.32 -6.31 -28.24
CA GLN A 476 9.42 -6.36 -29.69
C GLN A 476 9.18 -5.01 -30.34
N LEU A 477 8.00 -4.45 -30.06
CA LEU A 477 7.63 -3.14 -30.55
C LEU A 477 8.63 -2.07 -30.12
N ALA A 478 9.12 -2.18 -28.89
CA ALA A 478 10.10 -1.24 -28.36
C ALA A 478 11.45 -1.36 -29.06
N ASP A 479 11.94 -2.59 -29.21
CA ASP A 479 13.19 -2.82 -29.91
C ASP A 479 13.11 -2.30 -31.33
N LYS A 480 11.99 -2.56 -31.98
CA LYS A 480 11.76 -2.17 -33.38
C LYS A 480 11.97 -0.68 -33.60
N TRP A 481 11.51 0.12 -32.64
CA TRP A 481 11.66 1.56 -32.72
C TRP A 481 13.13 1.97 -32.68
N VAL A 482 13.90 1.32 -31.81
CA VAL A 482 15.32 1.59 -31.70
C VAL A 482 16.07 1.23 -33.00
N GLU A 483 15.80 0.04 -33.52
CA GLU A 483 16.31 -0.38 -34.82
C GLU A 483 15.85 0.57 -35.95
N MET A 484 14.58 0.94 -35.97
CA MET A 484 14.05 1.80 -37.03
C MET A 484 14.46 3.28 -36.88
N ALA A 485 14.72 3.72 -35.66
CA ALA A 485 15.18 5.07 -35.40
C ALA A 485 16.35 5.38 -36.29
N GLN A 486 17.13 4.34 -36.55
CA GLN A 486 18.39 4.44 -37.27
C GLN A 486 18.33 4.28 -38.79
N HIS A 487 17.42 3.47 -39.31
CA HIS A 487 17.33 3.34 -40.76
C HIS A 487 16.38 4.36 -41.41
N LEU A 488 15.21 4.56 -40.78
CA LEU A 488 14.18 5.48 -41.27
C LEU A 488 14.48 6.92 -40.88
N LYS A 489 14.41 7.83 -41.86
CA LYS A 489 14.78 9.23 -41.65
C LYS A 489 13.60 10.20 -41.79
N THR A 490 12.42 9.70 -42.09
CA THR A 490 11.25 10.56 -42.29
C THR A 490 10.04 10.26 -41.38
N THR A 491 9.31 11.30 -40.98
CA THR A 491 8.08 11.12 -40.23
C THR A 491 7.12 10.26 -41.04
N GLU A 492 7.07 10.48 -42.35
CA GLU A 492 6.20 9.70 -43.25
C GLU A 492 6.73 8.29 -43.45
N ASP A 493 8.04 8.13 -43.24
CA ASP A 493 8.67 6.82 -43.30
C ASP A 493 8.21 6.04 -42.08
N PHE A 494 8.30 6.70 -40.93
CA PHE A 494 7.93 6.14 -39.65
C PHE A 494 6.44 5.88 -39.60
N ARG A 495 5.64 6.69 -40.30
CA ARG A 495 4.18 6.54 -40.28
C ARG A 495 3.68 5.31 -41.06
N SER A 496 4.60 4.61 -41.72
CA SER A 496 4.27 3.55 -42.66
C SER A 496 4.78 2.21 -42.15
N GLU A 497 5.76 2.25 -41.25
CA GLU A 497 6.25 1.07 -40.57
C GLU A 497 5.50 0.89 -39.25
N PHE A 498 4.98 1.99 -38.72
CA PHE A 498 4.29 2.01 -37.43
C PHE A 498 2.84 2.56 -37.47
N ASN A 499 1.93 1.96 -36.71
CA ASN A 499 0.49 2.29 -36.76
C ASN A 499 -0.16 2.33 -35.36
N ALA A 500 -1.30 3.00 -35.25
CA ALA A 500 -2.00 3.11 -33.97
C ALA A 500 -2.45 1.74 -33.50
N ILE A 501 -2.52 0.80 -34.43
CA ILE A 501 -2.95 -0.55 -34.07
C ILE A 501 -1.85 -1.25 -33.26
N ASP A 502 -0.62 -0.78 -33.42
CA ASP A 502 0.55 -1.33 -32.73
C ASP A 502 0.34 -1.46 -31.24
N ILE A 503 0.00 -0.34 -30.60
CA ILE A 503 -0.15 -0.30 -29.16
C ILE A 503 -1.64 -0.30 -28.78
N LYS A 504 -2.53 -0.55 -29.75
CA LYS A 504 -3.97 -0.61 -29.48
C LYS A 504 -4.39 -1.56 -28.36
N ASP A 505 -3.98 -2.81 -28.50
CA ASP A 505 -4.33 -3.87 -27.56
C ASP A 505 -3.41 -3.93 -26.38
N PHE A 506 -2.62 -2.88 -26.17
CA PHE A 506 -1.78 -2.81 -24.99
C PHE A 506 -2.66 -2.31 -23.85
N ASN A 507 -2.46 -2.83 -22.64
CA ASN A 507 -3.14 -2.30 -21.46
C ASN A 507 -2.25 -1.24 -20.80
N SER A 508 -2.71 -0.60 -19.73
CA SER A 508 -1.95 0.49 -19.12
C SER A 508 -0.54 0.08 -18.77
N ASN A 509 -0.40 -1.13 -18.23
CA ASN A 509 0.89 -1.64 -17.80
C ASN A 509 1.86 -1.92 -18.96
N GLN A 510 1.31 -2.17 -20.15
CA GLN A 510 2.13 -2.43 -21.35
C GLN A 510 2.69 -1.13 -21.94
N LEU A 511 1.91 -0.07 -21.89
CA LEU A 511 2.36 1.27 -22.30
C LEU A 511 3.46 1.78 -21.42
N VAL A 512 3.32 1.56 -20.11
CA VAL A 512 4.29 1.99 -19.12
C VAL A 512 5.61 1.27 -19.33
N LEU A 513 5.55 -0.03 -19.62
CA LEU A 513 6.74 -0.82 -19.90
C LEU A 513 7.33 -0.42 -21.25
N PHE A 514 6.46 -0.33 -22.25
CA PHE A 514 6.88 0.15 -23.55
C PHE A 514 7.64 1.47 -23.47
N LEU A 515 6.99 2.50 -22.97
CA LEU A 515 7.63 3.80 -22.79
C LEU A 515 8.88 3.70 -21.93
N GLU A 516 8.87 2.81 -20.95
CA GLU A 516 10.03 2.64 -20.08
C GLU A 516 11.15 1.91 -20.82
N THR A 517 10.80 0.88 -21.58
CA THR A 517 11.80 0.13 -22.34
C THR A 517 12.52 1.07 -23.31
N LEU A 518 11.76 1.93 -24.00
CA LEU A 518 12.36 2.93 -24.88
C LEU A 518 13.56 3.64 -24.26
N THR A 519 13.39 4.20 -23.07
CA THR A 519 14.44 5.02 -22.46
C THR A 519 15.64 4.20 -22.04
N GLN A 520 15.48 2.87 -22.07
CA GLN A 520 16.58 1.94 -21.83
C GLN A 520 17.15 1.49 -23.18
N ASN A 521 16.98 2.35 -24.19
CA ASN A 521 17.42 2.07 -25.55
C ASN A 521 17.03 0.66 -26.05
N GLY A 522 15.83 0.24 -25.65
CA GLY A 522 15.27 -1.03 -26.08
C GLY A 522 15.28 -2.10 -25.00
N HIS A 523 14.94 -3.32 -25.37
CA HIS A 523 15.02 -4.42 -24.44
C HIS A 523 15.54 -5.69 -25.12
N SER A 524 16.86 -5.74 -25.33
CA SER A 524 17.55 -6.83 -26.02
C SER A 524 19.06 -6.81 -25.77
N ASN A 525 19.71 -7.99 -25.85
CA ASN A 525 21.17 -8.07 -25.74
C ASN A 525 21.80 -7.20 -26.83
N LYS A 526 21.27 -7.35 -28.04
CA LYS A 526 21.70 -6.55 -29.18
C LYS A 526 21.14 -5.17 -29.16
N LYS A 527 21.41 -4.47 -28.07
CA LYS A 527 21.01 -3.08 -27.98
C LYS A 527 22.14 -2.19 -28.37
N PRO A 528 21.88 -1.30 -29.32
CA PRO A 528 22.78 -0.20 -29.66
C PRO A 528 23.31 0.46 -28.39
N LYS A 529 24.63 0.50 -28.25
CA LYS A 529 25.26 1.09 -27.07
C LYS A 529 25.33 2.62 -27.19
N ASP A 530 24.82 3.28 -26.17
CA ASP A 530 24.77 4.75 -26.14
C ASP A 530 23.90 5.28 -27.27
N PHE A 531 23.07 4.42 -27.82
CA PHE A 531 21.99 4.92 -28.64
C PHE A 531 21.33 5.97 -27.77
N ASP A 532 21.11 7.15 -28.33
CA ASP A 532 20.50 8.25 -27.59
C ASP A 532 19.30 8.76 -28.38
N TRP A 533 18.17 8.98 -27.70
CA TRP A 533 16.94 9.45 -28.34
C TRP A 533 16.95 10.95 -28.67
N ALA A 534 17.94 11.66 -28.15
CA ALA A 534 18.10 13.09 -28.43
C ALA A 534 18.65 13.30 -29.84
N LYS A 535 19.49 12.37 -30.29
CA LYS A 535 20.11 12.42 -31.62
C LYS A 535 19.12 12.18 -32.75
N PHE A 536 18.02 11.46 -32.46
CA PHE A 536 17.00 11.19 -33.48
C PHE A 536 15.71 11.96 -33.24
N PRO A 537 15.70 13.26 -33.59
CA PRO A 537 14.53 14.09 -33.27
C PRO A 537 13.27 13.68 -34.01
N VAL A 538 13.41 13.00 -35.14
CA VAL A 538 12.26 12.60 -35.95
C VAL A 538 11.63 11.33 -35.38
N ALA A 539 12.47 10.38 -34.99
CA ALA A 539 12.00 9.11 -34.45
C ALA A 539 11.19 9.31 -33.17
N SER A 540 11.75 10.07 -32.23
CA SER A 540 11.09 10.34 -30.96
C SER A 540 9.75 11.04 -31.16
N ARG A 541 9.76 12.16 -31.87
CA ARG A 541 8.53 12.90 -32.16
C ARG A 541 7.54 12.11 -33.01
N ALA A 542 8.05 11.25 -33.88
CA ALA A 542 7.17 10.43 -34.70
C ALA A 542 6.43 9.40 -33.84
N LEU A 543 7.04 9.00 -32.73
CA LEU A 543 6.47 8.01 -31.83
C LEU A 543 5.26 8.54 -31.07
N LEU A 544 5.41 9.75 -30.54
CA LEU A 544 4.34 10.37 -29.76
C LEU A 544 3.23 10.83 -30.68
N ASP A 545 3.59 11.07 -31.94
CA ASP A 545 2.66 11.46 -33.00
C ASP A 545 1.75 10.30 -33.42
N ILE A 546 2.33 9.19 -33.86
CA ILE A 546 1.53 8.03 -34.28
C ILE A 546 0.72 7.39 -33.15
N TYR A 547 1.27 7.44 -31.94
CA TYR A 547 0.63 6.86 -30.77
C TYR A 547 0.02 7.96 -29.89
N GLN A 548 -0.55 8.98 -30.51
CA GLN A 548 -1.06 10.14 -29.76
C GLN A 548 -2.31 9.76 -28.96
N ASP A 549 -3.17 8.96 -29.58
CA ASP A 549 -4.45 8.61 -28.97
C ASP A 549 -4.33 7.75 -27.71
N ASN A 550 -3.46 6.74 -27.72
CA ASN A 550 -3.31 5.86 -26.56
C ASN A 550 -2.23 6.32 -25.56
N ILE A 551 -1.23 7.04 -26.04
CA ILE A 551 -0.16 7.53 -25.17
C ILE A 551 -0.35 9.00 -24.78
N VAL A 552 -0.25 9.90 -25.75
CA VAL A 552 -0.24 11.34 -25.47
C VAL A 552 -1.57 11.87 -24.92
N LYS A 553 -2.67 11.31 -25.41
CA LYS A 553 -4.00 11.76 -25.01
C LYS A 553 -4.48 11.04 -23.76
N SER A 554 -3.62 10.23 -23.16
CA SER A 554 -3.99 9.45 -22.00
C SER A 554 -3.96 10.36 -20.81
N GLN A 555 -4.97 10.21 -19.94
CA GLN A 555 -5.04 10.94 -18.69
C GLN A 555 -4.62 10.05 -17.52
N ASN A 556 -4.21 8.83 -17.84
CA ASN A 556 -3.61 7.91 -16.89
C ASN A 556 -2.28 8.45 -16.42
N ALA A 557 -2.21 8.92 -15.17
CA ALA A 557 -0.99 9.54 -14.66
C ALA A 557 0.21 8.63 -14.81
N GLU A 558 0.00 7.33 -14.64
CA GLU A 558 1.06 6.34 -14.85
C GLU A 558 1.64 6.39 -16.28
N VAL A 559 0.78 6.46 -17.28
CA VAL A 559 1.22 6.55 -18.66
C VAL A 559 1.74 7.97 -18.94
N VAL A 560 1.10 8.97 -18.35
CA VAL A 560 1.54 10.34 -18.60
C VAL A 560 2.96 10.57 -18.11
N PHE A 561 3.31 10.05 -16.94
CA PHE A 561 4.65 10.26 -16.40
C PHE A 561 5.74 9.63 -17.27
N LYS A 562 5.49 8.40 -17.72
CA LYS A 562 6.42 7.66 -18.54
C LYS A 562 6.63 8.35 -19.89
N MET A 563 5.58 9.01 -20.38
CA MET A 563 5.66 9.82 -21.58
C MET A 563 6.61 11.00 -21.33
N PHE A 564 6.41 11.73 -20.25
CA PHE A 564 7.29 12.83 -19.92
C PHE A 564 8.73 12.37 -19.78
N LYS A 565 8.91 11.17 -19.24
CA LYS A 565 10.24 10.59 -19.12
C LYS A 565 10.87 10.35 -20.51
N PHE A 566 10.08 9.81 -21.43
CA PHE A 566 10.55 9.54 -22.78
C PHE A 566 10.84 10.85 -23.50
N GLN A 567 10.06 11.87 -23.17
CA GLN A 567 10.26 13.19 -23.73
C GLN A 567 11.45 13.90 -23.11
N ILE A 568 11.74 13.66 -21.84
CA ILE A 568 12.92 14.25 -21.22
C ILE A 568 14.18 13.51 -21.70
N PHE A 569 14.07 12.21 -21.85
CA PHE A 569 15.15 11.42 -22.46
C PHE A 569 15.36 11.81 -23.91
N ALA A 570 14.26 12.04 -24.64
CA ALA A 570 14.36 12.41 -26.05
C ALA A 570 14.76 13.88 -26.24
N LYS A 571 15.08 14.55 -25.13
CA LYS A 571 15.46 15.95 -25.13
C LYS A 571 14.62 16.78 -26.08
N LEU A 572 13.30 16.58 -26.04
CA LEU A 572 12.37 17.35 -26.85
C LEU A 572 12.06 18.65 -26.15
N GLN A 573 12.86 19.68 -26.40
CA GLN A 573 12.83 20.90 -25.59
C GLN A 573 11.44 21.54 -25.41
N GLU A 574 10.56 21.34 -26.38
CA GLU A 574 9.26 22.02 -26.36
C GLU A 574 8.31 21.52 -25.27
N GLU A 575 8.47 20.26 -24.87
CA GLU A 575 7.52 19.65 -23.95
C GLU A 575 7.77 19.99 -22.48
N TYR A 576 8.91 20.58 -22.17
CA TYR A 576 9.28 20.85 -20.77
C TYR A 576 8.23 21.66 -20.03
N LYS A 577 7.69 22.67 -20.70
CA LYS A 577 6.66 23.48 -20.08
C LYS A 577 5.48 22.59 -19.73
N HIS A 578 5.25 21.57 -20.54
CA HIS A 578 4.14 20.65 -20.31
C HIS A 578 4.40 19.73 -19.11
N LEU A 579 5.65 19.39 -18.86
CA LEU A 579 6.01 18.60 -17.68
C LEU A 579 6.02 19.48 -16.46
N ALA A 580 6.38 20.74 -16.65
CA ALA A 580 6.34 21.72 -15.57
C ALA A 580 4.90 21.92 -15.10
N ASP A 581 4.01 22.20 -16.03
CA ASP A 581 2.60 22.42 -15.70
C ASP A 581 2.00 21.24 -14.97
N TRP A 582 2.32 20.04 -15.44
CA TRP A 582 1.74 18.81 -14.94
C TRP A 582 2.18 18.52 -13.50
N LEU A 583 3.34 18.99 -13.12
CA LEU A 583 3.76 18.85 -11.75
C LEU A 583 2.89 19.67 -10.80
N GLY A 584 2.11 20.59 -11.36
CA GLY A 584 1.17 21.37 -10.57
C GLY A 584 -0.16 20.67 -10.34
N THR A 585 -0.40 19.59 -11.10
CA THR A 585 -1.66 18.84 -11.05
C THR A 585 -1.59 17.57 -10.20
N VAL A 586 -0.39 17.07 -9.94
CA VAL A 586 -0.22 15.83 -9.17
C VAL A 586 0.67 16.02 -7.96
N GLY A 587 0.38 15.31 -6.87
CA GLY A 587 1.10 15.48 -5.63
C GLY A 587 1.73 14.18 -5.19
N ARG A 588 1.36 13.10 -5.88
CA ARG A 588 1.88 11.79 -5.56
C ARG A 588 3.38 11.83 -5.58
N MET A 589 3.99 11.50 -4.46
CA MET A 589 5.43 11.51 -4.34
C MET A 589 6.14 10.88 -5.53
N LYS A 590 5.57 9.80 -6.07
CA LYS A 590 6.28 9.03 -7.08
C LYS A 590 6.26 9.64 -8.48
N PHE A 591 5.28 10.48 -8.74
CA PHE A 591 5.27 11.25 -9.97
C PHE A 591 6.01 12.58 -9.76
N VAL A 592 5.65 13.29 -8.69
CA VAL A 592 6.15 14.65 -8.40
C VAL A 592 7.65 14.71 -8.24
N ARG A 593 8.20 13.70 -7.59
CA ARG A 593 9.61 13.68 -7.25
C ARG A 593 10.53 13.36 -8.42
N PRO A 594 10.42 12.14 -8.99
CA PRO A 594 11.22 11.92 -10.20
C PRO A 594 10.80 12.91 -11.29
N GLY A 595 9.56 13.39 -11.20
CA GLY A 595 9.06 14.37 -12.14
C GLY A 595 9.79 15.69 -12.05
N TYR A 596 10.17 16.10 -10.84
CA TYR A 596 10.97 17.30 -10.67
C TYR A 596 12.44 17.03 -10.99
N ARG A 597 12.85 15.77 -10.91
CA ARG A 597 14.21 15.39 -11.27
C ARG A 597 14.40 15.44 -12.78
N LEU A 598 13.40 14.97 -13.51
CA LEU A 598 13.41 15.02 -14.97
C LEU A 598 13.49 16.46 -15.50
N LEU A 599 12.70 17.33 -14.88
CA LEU A 599 12.61 18.72 -15.33
C LEU A 599 13.86 19.50 -15.00
N ASN A 600 14.53 19.16 -13.90
CA ASN A 600 15.70 19.91 -13.45
C ASN A 600 16.94 19.67 -14.30
N SER A 601 17.15 18.41 -14.68
CA SER A 601 18.31 18.03 -15.45
C SER A 601 18.37 18.80 -16.76
N VAL A 602 17.25 18.85 -17.46
CA VAL A 602 17.22 19.48 -18.76
C VAL A 602 17.00 20.98 -18.71
N ASP A 603 16.14 21.43 -17.80
CA ASP A 603 15.80 22.86 -17.73
C ASP A 603 15.70 23.36 -16.28
N ARG A 604 16.87 23.60 -15.69
CA ARG A 604 17.00 23.98 -14.30
C ARG A 604 16.18 25.21 -13.92
N ARG A 605 16.10 26.17 -14.83
CA ARG A 605 15.43 27.42 -14.53
C ARG A 605 13.93 27.22 -14.42
N LEU A 606 13.38 26.30 -15.21
CA LEU A 606 11.95 26.03 -15.21
C LEU A 606 11.56 25.26 -13.95
N ALA A 607 12.36 24.24 -13.63
CA ALA A 607 12.11 23.45 -12.45
C ALA A 607 11.98 24.35 -11.26
N LEU A 608 12.93 25.27 -11.13
CA LEU A 608 13.00 26.16 -9.99
C LEU A 608 11.77 27.07 -9.92
N ALA A 609 11.33 27.52 -11.08
CA ALA A 609 10.17 28.40 -11.17
C ALA A 609 8.93 27.59 -10.90
N THR A 610 8.90 26.41 -11.50
CA THR A 610 7.81 25.48 -11.29
C THR A 610 7.70 25.23 -9.79
N PHE A 611 8.79 24.78 -9.16
CA PHE A 611 8.75 24.46 -7.75
C PHE A 611 8.35 25.67 -6.90
N ASP A 612 8.84 26.84 -7.29
CA ASP A 612 8.48 28.07 -6.58
C ASP A 612 6.96 28.34 -6.63
N LYS A 613 6.34 28.05 -7.76
CA LYS A 613 4.90 28.31 -7.91
C LYS A 613 4.05 27.25 -7.21
N PHE A 614 4.56 26.03 -7.11
CA PHE A 614 3.76 24.92 -6.58
C PHE A 614 4.26 24.32 -5.27
N LYS A 615 5.38 24.82 -4.75
CA LYS A 615 5.97 24.27 -3.54
C LYS A 615 4.96 24.07 -2.39
N ASP A 616 4.28 25.15 -2.01
CA ASP A 616 3.36 25.10 -0.88
C ASP A 616 2.01 24.42 -1.17
N THR A 617 1.86 23.78 -2.33
CA THR A 617 0.62 23.04 -2.67
C THR A 617 0.74 21.53 -2.50
N TYR A 618 1.97 21.02 -2.43
CA TYR A 618 2.22 19.60 -2.19
C TYR A 618 2.15 19.30 -0.71
N HIS A 619 2.10 18.02 -0.37
CA HIS A 619 2.17 17.61 1.02
C HIS A 619 3.53 18.05 1.55
N PRO A 620 3.56 18.66 2.75
CA PRO A 620 4.79 19.21 3.30
C PRO A 620 5.99 18.29 3.09
N ILE A 621 5.80 16.99 3.28
CA ILE A 621 6.87 16.03 3.04
C ILE A 621 7.30 15.98 1.58
N CYS A 622 6.31 16.03 0.69
CA CYS A 622 6.57 16.04 -0.74
C CYS A 622 7.46 17.24 -1.08
N LYS A 623 7.17 18.38 -0.46
CA LYS A 623 7.92 19.61 -0.73
C LYS A 623 9.35 19.53 -0.24
N ALA A 624 9.55 18.95 0.94
CA ALA A 624 10.88 18.87 1.53
C ALA A 624 11.80 18.01 0.65
N LEU A 625 11.28 16.89 0.17
CA LEU A 625 12.04 15.96 -0.63
C LEU A 625 12.33 16.48 -2.04
N VAL A 626 11.36 17.14 -2.64
CA VAL A 626 11.57 17.78 -3.94
C VAL A 626 12.49 18.99 -3.82
N LYS A 627 12.42 19.69 -2.70
CA LYS A 627 13.29 20.84 -2.45
C LYS A 627 14.72 20.38 -2.20
N GLN A 628 14.85 19.15 -1.72
CA GLN A 628 16.16 18.56 -1.47
C GLN A 628 16.85 18.29 -2.81
N ASP A 629 16.10 17.72 -3.75
CA ASP A 629 16.65 17.29 -5.04
C ASP A 629 17.13 18.45 -5.90
N LEU A 630 16.43 19.59 -5.79
CA LEU A 630 16.78 20.80 -6.50
C LEU A 630 17.94 21.54 -5.83
N GLY A 631 18.34 21.07 -4.66
CA GLY A 631 19.49 21.65 -3.96
C GLY A 631 19.20 22.96 -3.23
N LEU A 632 18.03 23.04 -2.61
CA LEU A 632 17.63 24.24 -1.90
C LEU A 632 17.74 24.02 -0.40
#